data_4KXL
#
_entry.id   4KXL
#
_cell.length_a   32.728
_cell.length_b   100.644
_cell.length_c   79.681
_cell.angle_alpha   90.00
_cell.angle_beta   101.79
_cell.angle_gamma   90.00
#
_symmetry.space_group_name_H-M   'P 1 21 1'
#
loop_
_entity.id
_entity.type
_entity.pdbx_description
1 polymer "2'-deoxynucleoside 5'-phosphate N-hydrolase 1"
2 non-polymer "N-cyclopentyladenosine 5'-(dihydrogen phosphate)"
3 non-polymer 'SULFATE ION'
4 water water
#
_entity_poly.entity_id   1
_entity_poly.type   'polypeptide(L)'
_entity_poly.pdbx_seq_one_letter_code
;MRRSVYFCGSIRGGREDQALYARIVSRLRRYGKVLTEHVADAELEPLGEEAAGGDQFIHEQNLNWLQQADVVVAEVTQPS
LGVGYELGRAVALGKPILCLFRPQSGRVLSAMIRGAADGSRFQVWDYAEGEVETMLDRYFEAYLVEHHHHHH
;
_entity_poly.pdbx_strand_id   A,B,C,D
#
loop_
_chem_comp.id
_chem_comp.type
_chem_comp.name
_chem_comp.formula
6C6 non-polymer 'N-cyclopentyladenosine 5'-(dihydrogen phosphate)' 'C15 H22 N5 O7 P'
SO4 non-polymer 'SULFATE ION' 'O4 S -2'
#
# COMPACT_ATOMS: atom_id res chain seq x y z
N ARG A 2 29.01 -6.43 17.91
CA ARG A 2 29.61 -5.69 16.78
C ARG A 2 28.63 -4.67 16.20
N ARG A 3 29.15 -3.71 15.45
CA ARG A 3 28.32 -2.64 14.91
C ARG A 3 27.64 -3.05 13.60
N SER A 4 26.53 -2.38 13.30
CA SER A 4 25.75 -2.62 12.09
C SER A 4 25.88 -1.43 11.14
N VAL A 5 26.04 -1.72 9.85
CA VAL A 5 26.24 -0.69 8.84
C VAL A 5 25.11 -0.82 7.82
N TYR A 6 24.46 0.30 7.52
CA TYR A 6 23.46 0.35 6.45
C TYR A 6 24.13 0.96 5.22
N PHE A 7 24.19 0.20 4.12
CA PHE A 7 24.78 0.70 2.88
C PHE A 7 23.70 1.01 1.82
N CYS A 8 23.77 2.23 1.27
CA CYS A 8 22.84 2.72 0.22
C CYS A 8 23.52 2.86 -1.15
N GLY A 9 22.87 2.36 -2.18
CA GLY A 9 23.30 2.57 -3.54
C GLY A 9 22.20 2.28 -4.54
N SER A 10 22.23 3.01 -5.65
CA SER A 10 21.20 2.94 -6.67
C SER A 10 20.92 1.53 -7.15
N ILE A 11 19.63 1.21 -7.29
CA ILE A 11 19.18 -0.02 -7.94
C ILE A 11 18.30 0.36 -9.13
N ARG A 12 17.07 0.79 -8.87
CA ARG A 12 16.18 1.23 -9.95
C ARG A 12 16.61 2.57 -10.53
N GLY A 13 17.44 3.32 -9.80
CA GLY A 13 18.12 4.50 -10.37
C GLY A 13 19.12 4.16 -11.47
N GLY A 14 19.49 2.88 -11.57
CA GLY A 14 20.51 2.43 -12.51
C GLY A 14 21.57 1.62 -11.76
N ARG A 15 22.11 0.61 -12.43
CA ARG A 15 23.07 -0.31 -11.79
C ARG A 15 24.49 -0.08 -12.31
N GLU A 16 24.77 1.13 -12.80
CA GLU A 16 26.10 1.46 -13.34
C GLU A 16 27.25 1.14 -12.37
N ASP A 17 27.01 1.34 -11.08
CA ASP A 17 28.06 1.15 -10.07
C ASP A 17 27.92 -0.14 -9.27
N GLN A 18 27.26 -1.15 -9.84
CA GLN A 18 27.02 -2.42 -9.17
C GLN A 18 28.30 -3.05 -8.62
N ALA A 19 29.33 -3.12 -9.45
CA ALA A 19 30.58 -3.79 -9.07
C ALA A 19 31.24 -3.00 -7.95
N LEU A 20 31.19 -1.68 -8.05
CA LEU A 20 31.68 -0.82 -6.99
C LEU A 20 30.95 -1.05 -5.66
N TYR A 21 29.63 -1.18 -5.70
CA TYR A 21 28.86 -1.44 -4.50
C TYR A 21 29.28 -2.74 -3.83
N ALA A 22 29.58 -3.76 -4.64
CA ALA A 22 30.04 -5.05 -4.11
C ALA A 22 31.38 -4.92 -3.41
N ARG A 23 32.26 -4.09 -3.96
CA ARG A 23 33.56 -3.80 -3.35
C ARG A 23 33.35 -3.12 -2.00
N ILE A 24 32.43 -2.16 -1.98
CA ILE A 24 32.13 -1.37 -0.78
C ILE A 24 31.59 -2.29 0.31
N VAL A 25 30.59 -3.11 -0.03
CA VAL A 25 30.00 -4.02 0.95
C VAL A 25 31.07 -4.97 1.50
N SER A 26 31.92 -5.51 0.63
CA SER A 26 33.01 -6.39 1.07
C SER A 26 33.95 -5.68 2.07
N ARG A 27 34.30 -4.43 1.80
CA ARG A 27 35.17 -3.65 2.69
C ARG A 27 34.48 -3.30 4.01
N LEU A 28 33.18 -3.01 3.93
CA LEU A 28 32.41 -2.62 5.12
C LEU A 28 32.27 -3.78 6.10
N ARG A 29 32.23 -5.01 5.57
CA ARG A 29 32.14 -6.23 6.40
C ARG A 29 33.29 -6.35 7.40
N ARG A 30 34.42 -5.72 7.09
CA ARG A 30 35.55 -5.66 8.02
C ARG A 30 35.23 -4.87 9.29
N TYR A 31 34.28 -3.95 9.22
CA TYR A 31 33.96 -3.05 10.33
C TYR A 31 32.64 -3.36 11.01
N GLY A 32 31.83 -4.24 10.42
CA GLY A 32 30.58 -4.63 11.07
C GLY A 32 29.69 -5.48 10.20
N LYS A 33 28.48 -5.71 10.67
CA LYS A 33 27.46 -6.44 9.92
C LYS A 33 26.84 -5.45 8.94
N VAL A 34 26.86 -5.80 7.66
CA VAL A 34 26.25 -4.96 6.63
C VAL A 34 24.81 -5.46 6.46
N LEU A 35 23.87 -4.60 6.86
CA LEU A 35 22.45 -4.93 6.86
C LEU A 35 21.86 -5.08 5.44
N THR A 36 22.43 -4.37 4.48
CA THR A 36 21.85 -4.16 3.13
C THR A 36 22.68 -4.69 1.94
N GLU A 37 23.17 -5.92 2.06
CA GLU A 37 24.02 -6.49 1.00
C GLU A 37 23.32 -6.57 -0.37
N HIS A 38 21.98 -6.62 -0.36
CA HIS A 38 21.18 -6.55 -1.59
C HIS A 38 21.55 -5.42 -2.56
N VAL A 39 22.06 -4.30 -2.04
CA VAL A 39 22.43 -3.16 -2.90
C VAL A 39 23.53 -3.58 -3.90
N ALA A 40 24.48 -4.37 -3.41
CA ALA A 40 25.57 -4.91 -4.24
C ALA A 40 25.06 -5.97 -5.22
N GLU A 50 10.16 -8.42 -9.89
CA GLU A 50 9.40 -8.53 -8.63
C GLU A 50 8.05 -7.79 -8.72
N ALA A 51 7.07 -8.30 -7.98
CA ALA A 51 5.73 -7.69 -7.96
C ALA A 51 5.80 -6.35 -7.27
N ALA A 52 5.17 -5.33 -7.85
CA ALA A 52 5.14 -4.01 -7.25
C ALA A 52 4.42 -4.06 -5.89
N GLY A 53 3.48 -5.00 -5.79
CA GLY A 53 2.77 -5.25 -4.55
C GLY A 53 3.63 -5.71 -3.40
N GLY A 54 4.88 -6.08 -3.69
CA GLY A 54 5.87 -6.41 -2.64
C GLY A 54 6.77 -5.27 -2.20
N ASP A 55 6.67 -4.11 -2.83
CA ASP A 55 7.60 -3.02 -2.53
C ASP A 55 7.41 -2.48 -1.10
N GLN A 56 6.19 -2.53 -0.57
CA GLN A 56 5.98 -2.11 0.83
C GLN A 56 6.71 -3.02 1.80
N PHE A 57 6.81 -4.31 1.47
CA PHE A 57 7.59 -5.23 2.28
C PHE A 57 9.05 -4.79 2.34
N ILE A 58 9.59 -4.45 1.17
CA ILE A 58 10.98 -4.00 1.05
C ILE A 58 11.18 -2.72 1.87
N HIS A 59 10.28 -1.77 1.69
CA HIS A 59 10.35 -0.52 2.46
C HIS A 59 10.35 -0.76 3.97
N GLU A 60 9.44 -1.60 4.44
CA GLU A 60 9.36 -1.92 5.86
C GLU A 60 10.64 -2.59 6.38
N GLN A 61 11.12 -3.59 5.64
CA GLN A 61 12.34 -4.31 6.00
C GLN A 61 13.51 -3.36 6.09
N ASN A 62 13.64 -2.49 5.08
CA ASN A 62 14.74 -1.53 5.02
C ASN A 62 14.68 -0.50 6.14
N LEU A 63 13.49 0.00 6.45
CA LEU A 63 13.35 0.97 7.54
C LEU A 63 13.69 0.34 8.89
N ASN A 64 13.30 -0.91 9.08
CA ASN A 64 13.70 -1.64 10.29
C ASN A 64 15.22 -1.72 10.41
N TRP A 65 15.87 -2.06 9.30
CA TRP A 65 17.33 -2.09 9.29
C TRP A 65 17.92 -0.70 9.53
N LEU A 66 17.35 0.33 8.90
CA LEU A 66 17.86 1.69 9.08
C LEU A 66 17.81 2.11 10.56
N GLN A 67 16.72 1.76 11.23
CA GLN A 67 16.58 1.97 12.68
C GLN A 67 17.63 1.23 13.52
N GLN A 68 18.04 0.05 13.09
CA GLN A 68 19.04 -0.76 13.79
C GLN A 68 20.47 -0.23 13.59
N ALA A 69 20.71 0.49 12.50
CA ALA A 69 22.06 0.78 12.03
C ALA A 69 22.81 1.73 12.96
N ASP A 70 24.11 1.48 13.10
CA ASP A 70 24.98 2.36 13.86
C ASP A 70 25.51 3.51 12.99
N VAL A 71 25.66 3.25 11.69
CA VAL A 71 26.14 4.22 10.70
C VAL A 71 25.54 3.90 9.33
N VAL A 72 25.31 4.95 8.55
CA VAL A 72 24.73 4.84 7.20
C VAL A 72 25.79 5.33 6.21
N VAL A 73 26.13 4.47 5.25
CA VAL A 73 27.08 4.80 4.21
C VAL A 73 26.38 4.74 2.86
N ALA A 74 26.53 5.79 2.06
CA ALA A 74 25.89 5.89 0.74
C ALA A 74 26.91 6.25 -0.32
N GLU A 75 26.87 5.55 -1.44
CA GLU A 75 27.60 5.96 -2.64
C GLU A 75 26.58 6.68 -3.51
N VAL A 76 26.73 8.00 -3.60
CA VAL A 76 25.72 8.89 -4.17
C VAL A 76 26.04 9.41 -5.56
N THR A 77 26.95 8.75 -6.28
CA THR A 77 27.32 9.20 -7.62
C THR A 77 26.18 8.96 -8.61
N GLN A 78 25.48 7.83 -8.49
CA GLN A 78 24.34 7.52 -9.37
C GLN A 78 23.04 8.07 -8.75
N PRO A 79 22.35 9.02 -9.44
CA PRO A 79 21.16 9.53 -8.82
C PRO A 79 20.10 8.46 -8.60
N SER A 80 19.46 8.51 -7.45
CA SER A 80 18.50 7.48 -7.03
C SER A 80 17.50 8.03 -6.02
N LEU A 81 16.21 7.78 -6.28
CA LEU A 81 15.16 8.18 -5.33
C LEU A 81 15.32 7.42 -4.04
N GLY A 82 15.59 6.14 -4.14
CA GLY A 82 15.66 5.29 -2.96
C GLY A 82 16.80 5.68 -2.03
N VAL A 83 17.98 5.91 -2.60
CA VAL A 83 19.12 6.34 -1.80
C VAL A 83 18.82 7.69 -1.15
N GLY A 84 18.24 8.62 -1.90
CA GLY A 84 17.91 9.92 -1.34
C GLY A 84 16.95 9.79 -0.18
N TYR A 85 15.93 8.96 -0.36
CA TYR A 85 14.93 8.69 0.67
C TYR A 85 15.55 8.07 1.91
N GLU A 86 16.39 7.05 1.70
CA GLU A 86 17.13 6.44 2.81
C GLU A 86 17.90 7.48 3.63
N LEU A 87 18.62 8.36 2.94
CA LEU A 87 19.38 9.41 3.57
C LEU A 87 18.48 10.40 4.33
N GLY A 88 17.35 10.79 3.74
CA GLY A 88 16.41 11.68 4.42
C GLY A 88 15.85 11.04 5.69
N ARG A 89 15.48 9.75 5.59
CA ARG A 89 14.96 9.01 6.76
C ARG A 89 16.05 8.90 7.81
N ALA A 90 17.28 8.63 7.38
CA ALA A 90 18.41 8.48 8.29
C ALA A 90 18.72 9.77 9.05
N VAL A 91 18.69 10.91 8.37
CA VAL A 91 18.91 12.19 9.02
C VAL A 91 17.91 12.40 10.14
N ALA A 92 16.65 12.11 9.86
CA ALA A 92 15.57 12.34 10.79
C ALA A 92 15.67 11.39 12.00
N LEU A 93 16.30 10.23 11.78
CA LEU A 93 16.55 9.26 12.86
C LEU A 93 17.80 9.57 13.68
N GLY A 94 18.57 10.56 13.25
CA GLY A 94 19.78 10.99 13.95
C GLY A 94 21.00 10.12 13.70
N LYS A 95 20.98 9.33 12.63
CA LYS A 95 22.08 8.40 12.34
C LYS A 95 23.26 9.13 11.72
N PRO A 96 24.48 8.74 12.11
CA PRO A 96 25.65 9.30 11.42
C PRO A 96 25.75 8.76 10.00
N ILE A 97 26.12 9.64 9.07
CA ILE A 97 26.04 9.39 7.65
C ILE A 97 27.35 9.77 6.96
N LEU A 98 27.82 8.87 6.09
CA LEU A 98 28.89 9.18 5.15
C LEU A 98 28.36 8.99 3.74
N CYS A 99 28.46 10.04 2.93
CA CYS A 99 28.17 10.00 1.50
C CYS A 99 29.48 10.04 0.73
N LEU A 100 29.63 9.16 -0.26
CA LEU A 100 30.81 9.11 -1.11
C LEU A 100 30.41 9.45 -2.54
N PHE A 101 31.12 10.37 -3.17
CA PHE A 101 30.76 10.90 -4.49
C PHE A 101 31.99 11.01 -5.38
N ARG A 102 31.83 10.70 -6.66
CA ARG A 102 32.95 10.78 -7.61
C ARG A 102 32.82 11.98 -8.55
N PRO A 103 33.58 13.06 -8.30
CA PRO A 103 33.59 14.19 -9.23
C PRO A 103 33.88 13.84 -10.70
N GLN A 104 34.68 12.80 -10.94
CA GLN A 104 35.05 12.46 -12.31
C GLN A 104 33.87 11.90 -13.12
N SER A 105 32.77 11.62 -12.43
CA SER A 105 31.47 11.35 -13.08
C SER A 105 30.99 12.48 -13.99
N GLY A 106 31.44 13.71 -13.72
CA GLY A 106 31.09 14.85 -14.56
C GLY A 106 29.87 15.61 -14.08
N ARG A 107 29.13 15.02 -13.15
CA ARG A 107 27.84 15.56 -12.73
C ARG A 107 27.99 16.28 -11.39
N VAL A 108 27.07 17.21 -11.15
CA VAL A 108 27.04 17.96 -9.90
C VAL A 108 26.15 17.21 -8.93
N LEU A 109 26.68 16.91 -7.75
CA LEU A 109 25.90 16.22 -6.73
C LEU A 109 24.75 17.13 -6.31
N SER A 110 23.59 16.51 -6.15
CA SER A 110 22.40 17.15 -5.58
C SER A 110 22.75 18.13 -4.45
N ALA A 111 22.23 19.35 -4.53
CA ALA A 111 22.43 20.34 -3.49
C ALA A 111 21.80 19.93 -2.16
N MET A 112 20.76 19.10 -2.23
CA MET A 112 20.14 18.61 -1.01
C MET A 112 20.99 17.62 -0.25
N ILE A 113 21.91 16.96 -0.94
CA ILE A 113 22.82 16.02 -0.30
C ILE A 113 24.10 16.74 0.13
N ARG A 114 24.73 17.49 -0.77
CA ARG A 114 25.92 18.22 -0.37
C ARG A 114 25.58 19.26 0.70
N GLY A 115 24.41 19.87 0.57
CA GLY A 115 23.96 20.91 1.50
C GLY A 115 23.53 20.40 2.87
N ALA A 116 23.34 19.09 2.99
CA ALA A 116 23.00 18.47 4.27
C ALA A 116 24.21 18.27 5.19
N ALA A 117 25.43 18.49 4.70
CA ALA A 117 26.63 18.29 5.51
C ALA A 117 26.56 19.01 6.84
N ASP A 118 26.93 18.31 7.90
CA ASP A 118 26.77 18.79 9.26
C ASP A 118 27.86 18.21 10.14
N GLY A 119 28.97 18.93 10.26
CA GLY A 119 30.11 18.47 11.05
C GLY A 119 30.48 17.04 10.76
N SER A 120 30.69 16.24 11.81
CA SER A 120 31.05 14.83 11.65
C SER A 120 29.82 13.92 11.50
N ARG A 121 28.63 14.50 11.72
CA ARG A 121 27.35 13.76 11.71
C ARG A 121 26.85 13.42 10.31
N PHE A 122 27.02 14.33 9.36
CA PHE A 122 26.68 14.09 7.96
C PHE A 122 27.86 14.62 7.14
N GLN A 123 28.60 13.70 6.54
CA GLN A 123 29.79 14.05 5.78
C GLN A 123 29.64 13.61 4.34
N VAL A 124 30.09 14.46 3.42
CA VAL A 124 30.12 14.13 2.00
C VAL A 124 31.55 14.19 1.53
N TRP A 125 32.07 13.06 1.07
CA TRP A 125 33.47 12.93 0.69
C TRP A 125 33.59 12.67 -0.79
N ASP A 126 34.24 13.60 -1.49
CA ASP A 126 34.61 13.40 -2.88
C ASP A 126 35.83 12.48 -2.93
N TYR A 127 35.83 11.55 -3.89
CA TYR A 127 36.95 10.61 -4.02
C TYR A 127 37.13 10.17 -5.48
N ALA A 128 38.33 9.69 -5.75
CA ALA A 128 38.74 9.22 -7.08
C ALA A 128 38.39 7.75 -7.26
N GLU A 129 37.88 7.43 -8.44
CA GLU A 129 37.62 6.05 -8.85
C GLU A 129 38.89 5.21 -8.61
N GLY A 130 38.71 4.12 -7.85
CA GLY A 130 39.82 3.28 -7.45
C GLY A 130 40.17 3.39 -5.98
N GLU A 131 39.76 4.48 -5.32
CA GLU A 131 40.19 4.74 -3.95
C GLU A 131 39.08 4.57 -2.91
N VAL A 132 37.96 3.93 -3.26
CA VAL A 132 36.87 3.82 -2.30
C VAL A 132 37.27 3.06 -1.01
N GLU A 133 38.06 2.01 -1.14
CA GLU A 133 38.43 1.20 0.03
C GLU A 133 39.24 2.01 1.03
N THR A 134 40.24 2.75 0.55
CA THR A 134 41.04 3.59 1.46
C THR A 134 40.19 4.70 2.11
N MET A 135 39.23 5.26 1.39
CA MET A 135 38.32 6.25 1.99
C MET A 135 37.45 5.64 3.10
N LEU A 136 36.88 4.47 2.85
CA LEU A 136 36.11 3.77 3.88
C LEU A 136 36.98 3.52 5.12
N ASP A 137 38.21 3.04 4.91
CA ASP A 137 39.12 2.78 6.03
C ASP A 137 39.38 4.04 6.86
N ARG A 138 39.63 5.15 6.18
CA ARG A 138 39.94 6.40 6.87
C ARG A 138 38.74 6.89 7.70
N TYR A 139 37.55 6.78 7.14
CA TYR A 139 36.33 7.20 7.84
C TYR A 139 36.10 6.33 9.07
N PHE A 140 36.11 5.01 8.88
CA PHE A 140 35.87 4.10 9.98
C PHE A 140 36.93 4.21 11.08
N GLU A 141 38.20 4.33 10.68
CA GLU A 141 39.28 4.51 11.65
C GLU A 141 39.08 5.76 12.51
N ALA A 142 38.59 6.83 11.91
CA ALA A 142 38.48 8.11 12.59
C ALA A 142 37.24 8.18 13.46
N TYR A 143 36.12 7.65 12.96
CA TYR A 143 34.83 7.93 13.57
C TYR A 143 34.10 6.76 14.22
N LEU A 144 34.55 5.53 13.97
CA LEU A 144 33.82 4.35 14.47
C LEU A 144 34.68 3.39 15.29
N VAL A 145 35.91 3.13 14.85
CA VAL A 145 36.80 2.23 15.56
C VAL A 145 37.16 2.81 16.92
N ARG B 3 -3.69 27.23 2.01
CA ARG B 3 -2.82 26.01 1.97
C ARG B 3 -1.44 26.29 1.38
N SER B 4 -0.42 25.63 1.91
CA SER B 4 0.95 25.75 1.41
C SER B 4 1.44 24.42 0.83
N VAL B 5 1.90 24.46 -0.41
CA VAL B 5 2.27 23.27 -1.15
C VAL B 5 3.75 23.29 -1.47
N TYR B 6 4.44 22.19 -1.18
CA TYR B 6 5.86 22.02 -1.50
C TYR B 6 5.95 21.07 -2.67
N PHE B 7 6.50 21.53 -3.81
CA PHE B 7 6.68 20.69 -4.98
C PHE B 7 8.12 20.19 -5.17
N CYS B 8 8.25 18.88 -5.38
CA CYS B 8 9.54 18.21 -5.62
C CYS B 8 9.64 17.68 -7.07
N GLY B 9 10.77 17.94 -7.71
CA GLY B 9 11.06 17.40 -9.05
C GLY B 9 12.56 17.41 -9.30
N SER B 10 13.06 16.42 -10.04
CA SER B 10 14.49 16.31 -10.36
C SER B 10 15.07 17.60 -10.95
N ILE B 11 16.27 17.96 -10.52
CA ILE B 11 17.03 19.05 -11.11
C ILE B 11 18.38 18.50 -11.55
N ARG B 12 19.27 18.24 -10.60
CA ARG B 12 20.58 17.65 -10.91
C ARG B 12 20.49 16.16 -11.26
N GLY B 13 19.36 15.52 -10.97
CA GLY B 13 19.11 14.16 -11.47
C GLY B 13 18.80 14.16 -12.96
N GLY B 14 18.51 15.33 -13.50
CA GLY B 14 18.11 15.44 -14.89
C GLY B 14 16.89 16.32 -15.04
N ARG B 15 16.88 17.05 -16.15
CA ARG B 15 15.98 18.17 -16.38
C ARG B 15 14.90 17.84 -17.41
N GLU B 16 14.77 16.57 -17.77
CA GLU B 16 14.01 16.21 -18.99
C GLU B 16 12.49 16.41 -18.85
N ASP B 17 11.96 16.17 -17.66
CA ASP B 17 10.54 16.37 -17.38
C ASP B 17 10.21 17.80 -16.94
N GLN B 18 11.08 18.75 -17.28
CA GLN B 18 10.86 20.16 -16.95
C GLN B 18 9.46 20.63 -17.36
N ALA B 19 9.06 20.25 -18.57
CA ALA B 19 7.79 20.71 -19.15
C ALA B 19 6.62 20.38 -18.23
N LEU B 20 6.54 19.12 -17.79
CA LEU B 20 5.42 18.71 -16.95
C LEU B 20 5.52 19.28 -15.52
N TYR B 21 6.73 19.42 -15.00
CA TYR B 21 6.89 20.07 -13.69
C TYR B 21 6.24 21.47 -13.71
N ALA B 22 6.41 22.18 -14.82
CA ALA B 22 5.77 23.49 -15.01
C ALA B 22 4.24 23.39 -15.01
N ARG B 23 3.72 22.41 -15.73
CA ARG B 23 2.27 22.14 -15.77
C ARG B 23 1.74 21.79 -14.38
N ILE B 24 2.50 20.99 -13.64
CA ILE B 24 2.11 20.57 -12.30
C ILE B 24 2.09 21.77 -11.33
N VAL B 25 3.16 22.56 -11.34
CA VAL B 25 3.23 23.76 -10.50
C VAL B 25 2.09 24.75 -10.81
N SER B 26 1.77 24.90 -12.10
CA SER B 26 0.68 25.78 -12.51
C SER B 26 -0.66 25.34 -11.93
N ARG B 27 -0.92 24.03 -12.00
CA ARG B 27 -2.18 23.48 -11.49
C ARG B 27 -2.22 23.52 -9.94
N LEU B 28 -1.07 23.25 -9.32
CA LEU B 28 -0.97 23.33 -7.85
C LEU B 28 -1.32 24.70 -7.29
N ARG B 29 -1.05 25.77 -8.05
CA ARG B 29 -1.38 27.13 -7.61
C ARG B 29 -2.87 27.32 -7.32
N ARG B 30 -3.71 26.53 -7.98
CA ARG B 30 -5.17 26.62 -7.76
C ARG B 30 -5.55 26.17 -6.36
N TYR B 31 -4.68 25.37 -5.74
CA TYR B 31 -4.97 24.74 -4.46
C TYR B 31 -4.18 25.29 -3.29
N GLY B 32 -3.09 26.01 -3.57
CA GLY B 32 -2.36 26.70 -2.52
C GLY B 32 -1.13 27.44 -3.00
N LYS B 33 -0.44 28.09 -2.08
CA LYS B 33 0.80 28.81 -2.37
C LYS B 33 1.88 27.77 -2.60
N VAL B 34 2.49 27.76 -3.78
CA VAL B 34 3.54 26.81 -4.09
C VAL B 34 4.87 27.40 -3.59
N LEU B 35 5.45 26.78 -2.57
CA LEU B 35 6.61 27.36 -1.88
C LEU B 35 7.89 27.27 -2.70
N THR B 36 8.01 26.20 -3.50
CA THR B 36 9.22 25.89 -4.28
C THR B 36 9.17 26.30 -5.75
N GLU B 37 8.19 27.13 -6.10
CA GLU B 37 8.05 27.56 -7.49
C GLU B 37 9.17 28.52 -7.90
N GLY B 54 25.09 28.91 -1.84
CA GLY B 54 25.67 27.58 -1.84
C GLY B 54 24.66 26.48 -1.55
N ASP B 55 25.15 25.24 -1.51
CA ASP B 55 24.29 24.09 -1.28
C ASP B 55 23.70 24.09 0.13
N GLN B 56 24.49 24.51 1.13
CA GLN B 56 23.96 24.59 2.50
C GLN B 56 22.77 25.56 2.57
N PHE B 57 22.87 26.70 1.89
CA PHE B 57 21.77 27.67 1.84
C PHE B 57 20.52 27.06 1.21
N ILE B 58 20.70 26.35 0.10
CA ILE B 58 19.59 25.71 -0.59
C ILE B 58 18.93 24.70 0.32
N HIS B 59 19.74 23.86 0.97
CA HIS B 59 19.22 22.82 1.86
C HIS B 59 18.41 23.42 3.01
N GLU B 60 18.95 24.45 3.65
CA GLU B 60 18.27 25.10 4.77
C GLU B 60 16.98 25.78 4.30
N GLN B 61 17.05 26.49 3.18
CA GLN B 61 15.86 27.14 2.61
C GLN B 61 14.76 26.10 2.34
N ASN B 62 15.12 25.01 1.67
CA ASN B 62 14.12 23.99 1.32
C ASN B 62 13.56 23.28 2.55
N LEU B 63 14.40 22.99 3.54
CA LEU B 63 13.91 22.37 4.78
C LEU B 63 12.92 23.30 5.49
N ASN B 64 13.19 24.60 5.50
CA ASN B 64 12.26 25.56 6.12
C ASN B 64 10.89 25.52 5.40
N TRP B 65 10.91 25.49 4.07
CA TRP B 65 9.66 25.41 3.30
C TRP B 65 8.95 24.08 3.55
N LEU B 66 9.71 23.00 3.59
CA LEU B 66 9.15 21.67 3.84
C LEU B 66 8.45 21.61 5.21
N GLN B 67 9.09 22.20 6.23
CA GLN B 67 8.56 22.25 7.59
C GLN B 67 7.23 23.00 7.69
N GLN B 68 7.08 24.06 6.89
CA GLN B 68 5.86 24.88 6.87
C GLN B 68 4.78 24.38 5.89
N ALA B 69 5.10 23.43 5.03
CA ALA B 69 4.16 22.96 4.01
C ALA B 69 2.99 22.21 4.62
N ASP B 70 1.82 22.36 4.02
CA ASP B 70 0.62 21.59 4.40
C ASP B 70 0.51 20.30 3.58
N VAL B 71 1.10 20.29 2.40
CA VAL B 71 1.11 19.11 1.55
C VAL B 71 2.36 19.11 0.69
N VAL B 72 2.88 17.92 0.41
CA VAL B 72 4.07 17.75 -0.41
C VAL B 72 3.66 16.96 -1.66
N VAL B 73 4.04 17.46 -2.82
CA VAL B 73 3.78 16.79 -4.08
C VAL B 73 5.11 16.62 -4.82
N ALA B 74 5.38 15.40 -5.29
CA ALA B 74 6.63 15.07 -5.96
C ALA B 74 6.33 14.37 -7.28
N GLU B 75 7.00 14.77 -8.35
CA GLU B 75 7.00 14.01 -9.59
C GLU B 75 8.25 13.13 -9.54
N VAL B 76 8.03 11.82 -9.51
CA VAL B 76 9.10 10.84 -9.19
C VAL B 76 9.45 9.94 -10.38
N THR B 77 9.21 10.39 -11.60
CA THR B 77 9.54 9.58 -12.78
C THR B 77 11.05 9.57 -13.04
N GLN B 78 11.69 10.73 -12.91
CA GLN B 78 13.15 10.82 -13.07
C GLN B 78 13.85 10.56 -11.74
N PRO B 79 14.78 9.57 -11.71
CA PRO B 79 15.49 9.34 -10.46
C PRO B 79 16.30 10.56 -10.00
N SER B 80 16.22 10.87 -8.71
CA SER B 80 16.81 12.07 -8.16
C SER B 80 17.06 11.89 -6.68
N LEU B 81 18.30 12.12 -6.27
CA LEU B 81 18.67 12.05 -4.85
C LEU B 81 17.91 13.09 -4.02
N GLY B 82 17.80 14.29 -4.57
CA GLY B 82 17.19 15.41 -3.84
C GLY B 82 15.72 15.21 -3.63
N VAL B 83 15.01 14.74 -4.66
CA VAL B 83 13.60 14.42 -4.52
C VAL B 83 13.39 13.32 -3.47
N GLY B 84 14.15 12.23 -3.58
CA GLY B 84 14.10 11.16 -2.58
C GLY B 84 14.34 11.71 -1.17
N TYR B 85 15.35 12.56 -1.04
CA TYR B 85 15.71 13.15 0.25
C TYR B 85 14.60 14.04 0.81
N GLU B 86 14.05 14.90 -0.03
CA GLU B 86 12.88 15.69 0.36
C GLU B 86 11.71 14.83 0.86
N LEU B 87 11.46 13.73 0.16
CA LEU B 87 10.38 12.81 0.52
C LEU B 87 10.67 12.13 1.85
N GLY B 88 11.92 11.74 2.09
CA GLY B 88 12.32 11.13 3.35
C GLY B 88 12.16 12.11 4.50
N ARG B 89 12.60 13.35 4.29
CA ARG B 89 12.46 14.36 5.33
C ARG B 89 10.98 14.66 5.58
N ALA B 90 10.20 14.67 4.50
CA ALA B 90 8.77 15.00 4.59
C ALA B 90 7.96 13.94 5.34
N VAL B 91 8.25 12.67 5.07
CA VAL B 91 7.62 11.54 5.78
C VAL B 91 7.83 11.66 7.28
N ALA B 92 9.09 11.88 7.68
CA ALA B 92 9.46 11.99 9.09
C ALA B 92 8.86 13.23 9.78
N LEU B 93 8.64 14.29 9.01
CA LEU B 93 7.94 15.48 9.52
C LEU B 93 6.43 15.27 9.63
N GLY B 94 5.92 14.25 8.95
CA GLY B 94 4.50 13.87 9.02
C GLY B 94 3.62 14.62 8.04
N LYS B 95 4.23 15.18 6.99
CA LYS B 95 3.47 15.92 5.98
C LYS B 95 2.79 14.93 5.05
N PRO B 96 1.51 15.17 4.69
CA PRO B 96 0.90 14.33 3.69
C PRO B 96 1.57 14.49 2.32
N ILE B 97 1.77 13.38 1.63
CA ILE B 97 2.58 13.31 0.43
C ILE B 97 1.82 12.68 -0.74
N LEU B 98 1.90 13.31 -1.91
CA LEU B 98 1.46 12.71 -3.18
C LEU B 98 2.67 12.63 -4.11
N CYS B 99 2.97 11.41 -4.58
CA CYS B 99 3.98 11.20 -5.61
C CYS B 99 3.28 10.85 -6.90
N LEU B 100 3.70 11.45 -8.01
CA LEU B 100 3.17 11.16 -9.33
C LEU B 100 4.23 10.48 -10.19
N PHE B 101 3.88 9.32 -10.77
CA PHE B 101 4.83 8.52 -11.54
C PHE B 101 4.27 8.17 -12.92
N ARG B 102 5.09 8.32 -13.96
CA ARG B 102 4.69 8.00 -15.35
C ARG B 102 5.28 6.65 -15.80
N PRO B 103 4.47 5.59 -15.81
CA PRO B 103 5.04 4.29 -16.18
C PRO B 103 5.29 4.13 -17.68
N GLN B 104 4.67 4.96 -18.52
CA GLN B 104 4.89 4.88 -19.97
C GLN B 104 6.36 5.09 -20.35
N SER B 105 7.13 5.73 -19.47
CA SER B 105 8.51 5.99 -19.80
C SER B 105 9.25 4.66 -19.94
N GLY B 106 8.76 3.62 -19.26
CA GLY B 106 9.39 2.30 -19.29
C GLY B 106 10.20 2.03 -18.03
N ARG B 107 10.38 3.06 -17.20
CA ARG B 107 11.10 2.92 -15.96
C ARG B 107 10.23 2.24 -14.93
N VAL B 108 10.85 1.61 -13.93
CA VAL B 108 10.15 1.06 -12.78
C VAL B 108 10.48 1.93 -11.58
N LEU B 109 9.44 2.36 -10.86
CA LEU B 109 9.62 3.25 -9.73
C LEU B 109 10.31 2.54 -8.57
N SER B 110 11.30 3.23 -8.00
CA SER B 110 11.95 2.85 -6.75
C SER B 110 11.00 2.15 -5.80
N ALA B 111 11.42 0.98 -5.31
CA ALA B 111 10.63 0.26 -4.29
C ALA B 111 10.54 1.04 -2.99
N MET B 112 11.50 1.91 -2.73
CA MET B 112 11.48 2.69 -1.51
C MET B 112 10.45 3.79 -1.58
N ILE B 113 10.09 4.22 -2.79
CA ILE B 113 9.02 5.21 -2.97
C ILE B 113 7.68 4.51 -3.12
N ARG B 114 7.57 3.58 -4.08
CA ARG B 114 6.34 2.77 -4.22
C ARG B 114 5.93 2.16 -2.87
N GLY B 115 6.92 1.62 -2.15
CA GLY B 115 6.70 0.93 -0.89
C GLY B 115 6.50 1.82 0.33
N ALA B 116 6.68 3.13 0.17
CA ALA B 116 6.44 4.06 1.27
C ALA B 116 4.97 4.43 1.39
N ALA B 117 4.15 3.97 0.44
CA ALA B 117 2.72 4.26 0.44
C ALA B 117 2.07 3.87 1.76
N ASP B 118 1.25 4.77 2.28
CA ASP B 118 0.72 4.63 3.64
C ASP B 118 -0.59 5.39 3.77
N GLY B 119 -1.67 4.77 3.32
CA GLY B 119 -2.99 5.39 3.44
C GLY B 119 -2.97 6.82 2.94
N SER B 120 -3.59 7.71 3.71
CA SER B 120 -3.71 9.12 3.34
C SER B 120 -2.42 9.90 3.50
N ARG B 121 -1.46 9.35 4.25
CA ARG B 121 -0.20 10.03 4.55
C ARG B 121 0.82 10.00 3.42
N PHE B 122 0.79 8.96 2.58
CA PHE B 122 1.78 8.84 1.48
C PHE B 122 1.10 8.09 0.35
N GLN B 123 0.82 8.79 -0.74
CA GLN B 123 0.15 8.19 -1.89
C GLN B 123 1.06 8.27 -3.11
N VAL B 124 1.10 7.19 -3.88
CA VAL B 124 1.88 7.11 -5.11
C VAL B 124 0.89 6.80 -6.23
N TRP B 125 0.72 7.75 -7.15
CA TRP B 125 -0.26 7.61 -8.23
C TRP B 125 0.45 7.50 -9.57
N ASP B 126 0.17 6.43 -10.32
CA ASP B 126 0.58 6.33 -11.71
C ASP B 126 -0.30 7.26 -12.54
N TYR B 127 0.28 7.90 -13.56
CA TYR B 127 -0.50 8.74 -14.45
C TYR B 127 0.03 8.73 -15.86
N ALA B 128 -0.86 9.08 -16.79
CA ALA B 128 -0.52 9.39 -18.16
C ALA B 128 -0.39 10.91 -18.28
N GLU B 129 0.60 11.34 -19.05
CA GLU B 129 1.01 12.76 -19.06
C GLU B 129 -0.12 13.75 -19.33
N GLY B 130 -1.08 13.35 -20.17
CA GLY B 130 -2.16 14.21 -20.61
C GLY B 130 -3.20 14.50 -19.55
N GLU B 131 -3.29 13.65 -18.53
CA GLU B 131 -4.27 13.85 -17.45
C GLU B 131 -3.68 14.21 -16.09
N VAL B 132 -2.45 14.75 -16.08
CA VAL B 132 -1.82 15.13 -14.83
C VAL B 132 -2.62 16.21 -14.09
N GLU B 133 -3.19 17.16 -14.82
CA GLU B 133 -4.00 18.22 -14.19
C GLU B 133 -5.28 17.64 -13.57
N THR B 134 -5.94 16.77 -14.33
CA THR B 134 -7.12 16.05 -13.87
C THR B 134 -6.84 15.24 -12.60
N MET B 135 -5.68 14.58 -12.59
CA MET B 135 -5.24 13.80 -11.43
C MET B 135 -5.04 14.67 -10.19
N LEU B 136 -4.35 15.81 -10.34
CA LEU B 136 -4.16 16.76 -9.22
C LEU B 136 -5.50 17.27 -8.71
N ASP B 137 -6.41 17.62 -9.61
CA ASP B 137 -7.76 18.02 -9.22
C ASP B 137 -8.39 16.94 -8.34
N ARG B 138 -8.28 15.70 -8.78
CA ARG B 138 -8.91 14.60 -8.06
C ARG B 138 -8.31 14.42 -6.66
N TYR B 139 -6.99 14.56 -6.56
CA TYR B 139 -6.31 14.40 -5.28
C TYR B 139 -6.82 15.44 -4.27
N PHE B 140 -6.85 16.71 -4.67
CA PHE B 140 -7.26 17.77 -3.77
C PHE B 140 -8.75 17.73 -3.46
N GLU B 141 -9.55 17.28 -4.42
CA GLU B 141 -10.99 17.18 -4.21
C GLU B 141 -11.39 16.03 -3.26
N ALA B 142 -10.74 14.87 -3.40
CA ALA B 142 -11.25 13.65 -2.75
C ALA B 142 -10.26 12.79 -1.97
N TYR B 143 -8.97 13.11 -2.03
CA TYR B 143 -7.95 12.24 -1.44
C TYR B 143 -7.01 12.94 -0.48
N LEU B 144 -7.46 14.07 0.08
CA LEU B 144 -6.63 14.85 0.97
C LEU B 144 -7.43 15.21 2.20
N ARG C 2 5.53 -27.10 11.40
CA ARG C 2 5.09 -27.04 9.98
C ARG C 2 3.99 -26.01 9.79
N ARG C 3 4.21 -25.10 8.85
CA ARG C 3 3.31 -23.99 8.58
C ARG C 3 1.93 -24.47 8.14
N SER C 4 0.88 -23.80 8.62
CA SER C 4 -0.46 -24.00 8.10
C SER C 4 -0.88 -22.79 7.27
N VAL C 5 -1.45 -23.08 6.11
CA VAL C 5 -1.86 -22.07 5.15
C VAL C 5 -3.37 -22.14 4.94
N TYR C 6 -4.02 -20.98 4.99
CA TYR C 6 -5.45 -20.88 4.70
C TYR C 6 -5.59 -20.24 3.30
N PHE C 7 -6.25 -20.96 2.38
CA PHE C 7 -6.46 -20.48 1.03
C PHE C 7 -7.91 -20.05 0.83
N CYS C 8 -8.10 -18.84 0.31
CA CYS C 8 -9.44 -18.31 -0.01
C CYS C 8 -9.60 -18.19 -1.51
N GLY C 9 -10.76 -18.60 -2.00
CA GLY C 9 -11.12 -18.37 -3.40
C GLY C 9 -12.63 -18.48 -3.53
N SER C 10 -13.18 -17.76 -4.51
CA SER C 10 -14.64 -17.72 -4.73
C SER C 10 -15.28 -19.09 -4.90
N ILE C 11 -16.46 -19.26 -4.28
CA ILE C 11 -17.25 -20.45 -4.47
C ILE C 11 -18.63 -20.01 -4.98
N ARG C 12 -19.44 -19.43 -4.11
CA ARG C 12 -20.73 -18.90 -4.52
C ARG C 12 -20.64 -17.59 -5.31
N GLY C 13 -19.46 -16.97 -5.31
CA GLY C 13 -19.20 -15.83 -6.19
C GLY C 13 -19.02 -16.23 -7.63
N GLY C 14 -18.81 -17.53 -7.85
CA GLY C 14 -18.53 -18.08 -9.18
C GLY C 14 -17.32 -18.99 -9.15
N ARG C 15 -17.37 -20.08 -9.93
CA ARG C 15 -16.28 -21.07 -9.95
C ARG C 15 -15.38 -20.99 -11.18
N GLU C 16 -15.37 -19.84 -11.85
CA GLU C 16 -14.69 -19.66 -13.13
C GLU C 16 -13.17 -19.82 -13.06
N ASP C 17 -12.58 -19.49 -11.91
CA ASP C 17 -11.13 -19.59 -11.73
C ASP C 17 -10.69 -20.86 -10.98
N GLN C 18 -11.56 -21.88 -10.94
CA GLN C 18 -11.28 -23.10 -10.17
C GLN C 18 -9.94 -23.72 -10.58
N ALA C 19 -9.63 -23.71 -11.87
CA ALA C 19 -8.36 -24.27 -12.37
C ALA C 19 -7.14 -23.55 -11.79
N LEU C 20 -7.20 -22.22 -11.71
CA LEU C 20 -6.13 -21.43 -11.07
C LEU C 20 -6.07 -21.73 -9.58
N TYR C 21 -7.23 -21.90 -8.93
CA TYR C 21 -7.23 -22.23 -7.48
C TYR C 21 -6.54 -23.55 -7.22
N ALA C 22 -6.80 -24.54 -8.09
CA ALA C 22 -6.16 -25.87 -7.97
C ALA C 22 -4.64 -25.74 -8.08
N ARG C 23 -4.18 -24.93 -9.04
CA ARG C 23 -2.75 -24.68 -9.23
C ARG C 23 -2.13 -23.99 -8.03
N ILE C 24 -2.84 -22.99 -7.50
CA ILE C 24 -2.38 -22.26 -6.33
C ILE C 24 -2.27 -23.18 -5.12
N VAL C 25 -3.33 -23.95 -4.86
CA VAL C 25 -3.34 -24.89 -3.74
C VAL C 25 -2.22 -25.93 -3.86
N SER C 26 -2.04 -26.49 -5.07
CA SER C 26 -0.96 -27.45 -5.28
C SER C 26 0.40 -26.85 -4.90
N ARG C 27 0.64 -25.61 -5.31
CA ARG C 27 1.92 -24.97 -5.00
C ARG C 27 2.02 -24.67 -3.51
N LEU C 28 0.92 -24.29 -2.89
CA LEU C 28 0.94 -23.97 -1.47
C LEU C 28 1.28 -25.18 -0.59
N ARG C 29 0.91 -26.39 -1.03
CA ARG C 29 1.24 -27.62 -0.30
C ARG C 29 2.75 -27.80 -0.10
N ARG C 30 3.56 -27.19 -0.96
CA ARG C 30 5.02 -27.26 -0.85
C ARG C 30 5.52 -26.47 0.36
N TYR C 31 4.71 -25.51 0.79
CA TYR C 31 5.10 -24.54 1.82
C TYR C 31 4.34 -24.72 3.13
N GLY C 32 3.31 -25.57 3.14
CA GLY C 32 2.67 -25.94 4.39
C GLY C 32 1.47 -26.85 4.22
N LYS C 33 0.76 -27.07 5.33
CA LYS C 33 -0.50 -27.78 5.32
C LYS C 33 -1.59 -26.80 4.91
N VAL C 34 -2.31 -27.11 3.84
CA VAL C 34 -3.36 -26.23 3.32
C VAL C 34 -4.69 -26.63 3.94
N LEU C 35 -5.21 -25.79 4.83
CA LEU C 35 -6.37 -26.14 5.65
C LEU C 35 -7.69 -26.16 4.88
N THR C 36 -7.74 -25.39 3.78
CA THR C 36 -8.97 -25.15 3.02
C THR C 36 -8.89 -25.71 1.59
N GLU C 37 -8.20 -26.82 1.43
CA GLU C 37 -7.95 -27.37 0.08
C GLU C 37 -9.22 -27.70 -0.73
N HIS C 38 -10.33 -27.97 -0.05
CA HIS C 38 -11.61 -28.22 -0.74
C HIS C 38 -12.10 -27.01 -1.57
N VAL C 39 -11.60 -25.81 -1.28
CA VAL C 39 -11.92 -24.61 -2.08
C VAL C 39 -11.48 -24.78 -3.56
N ALA C 40 -10.44 -25.59 -3.79
CA ALA C 40 -9.96 -25.90 -5.16
C ALA C 40 -10.58 -27.15 -5.79
N ASP C 41 -11.51 -27.81 -5.09
CA ASP C 41 -12.15 -29.02 -5.64
C ASP C 41 -12.99 -28.72 -6.87
N ALA C 42 -12.70 -29.43 -7.97
CA ALA C 42 -13.47 -29.35 -9.20
C ALA C 42 -14.69 -30.25 -9.09
N GLY C 53 -27.92 -24.31 3.72
CA GLY C 53 -27.86 -25.52 4.55
C GLY C 53 -26.54 -25.64 5.28
N GLY C 54 -26.61 -25.66 6.61
CA GLY C 54 -25.41 -25.83 7.45
C GLY C 54 -24.44 -24.68 7.40
N ASP C 55 -24.90 -23.50 6.98
CA ASP C 55 -24.00 -22.36 6.78
C ASP C 55 -23.28 -21.99 8.08
N GLN C 56 -23.96 -22.09 9.22
CA GLN C 56 -23.34 -21.74 10.50
C GLN C 56 -22.12 -22.63 10.81
N PHE C 57 -22.21 -23.89 10.45
CA PHE C 57 -21.11 -24.82 10.72
C PHE C 57 -19.92 -24.58 9.78
N ILE C 58 -20.22 -24.25 8.53
CA ILE C 58 -19.17 -23.88 7.57
C ILE C 58 -18.43 -22.65 8.08
N HIS C 59 -19.20 -21.65 8.53
CA HIS C 59 -18.63 -20.44 9.06
C HIS C 59 -17.73 -20.72 10.26
N GLU C 60 -18.21 -21.50 11.21
CA GLU C 60 -17.42 -21.83 12.40
C GLU C 60 -16.17 -22.64 12.06
N GLN C 61 -16.32 -23.64 11.18
CA GLN C 61 -15.17 -24.46 10.74
C GLN C 61 -14.09 -23.56 10.14
N ASN C 62 -14.50 -22.69 9.22
CA ASN C 62 -13.55 -21.81 8.55
C ASN C 62 -12.90 -20.81 9.51
N LEU C 63 -13.66 -20.27 10.46
CA LEU C 63 -13.06 -19.36 11.43
C LEU C 63 -12.07 -20.07 12.31
N ASN C 64 -12.34 -21.33 12.65
CA ASN C 64 -11.41 -22.15 13.42
C ASN C 64 -10.09 -22.33 12.66
N TRP C 65 -10.18 -22.66 11.38
CA TRP C 65 -8.99 -22.81 10.53
C TRP C 65 -8.25 -21.47 10.38
N LEU C 66 -8.99 -20.38 10.23
CA LEU C 66 -8.37 -19.06 10.05
C LEU C 66 -7.54 -18.67 11.27
N GLN C 67 -8.08 -18.94 12.46
CA GLN C 67 -7.39 -18.69 13.72
C GLN C 67 -6.12 -19.54 13.86
N GLN C 68 -6.16 -20.74 13.27
CA GLN C 68 -5.08 -21.72 13.27
C GLN C 68 -3.96 -21.35 12.29
N ALA C 69 -4.32 -20.68 11.20
CA ALA C 69 -3.41 -20.41 10.09
C ALA C 69 -2.21 -19.55 10.49
N ASP C 70 -1.06 -19.87 9.92
CA ASP C 70 0.12 -19.03 10.03
C ASP C 70 0.21 -18.00 8.90
N VAL C 71 -0.42 -18.30 7.76
CA VAL C 71 -0.50 -17.37 6.62
C VAL C 71 -1.82 -17.56 5.87
N VAL C 72 -2.37 -16.48 5.35
CA VAL C 72 -3.60 -16.52 4.56
C VAL C 72 -3.28 -16.07 3.13
N VAL C 73 -3.64 -16.91 2.15
CA VAL C 73 -3.45 -16.61 0.74
C VAL C 73 -4.83 -16.56 0.08
N ALA C 74 -5.13 -15.50 -0.65
CA ALA C 74 -6.44 -15.39 -1.32
C ALA C 74 -6.24 -15.07 -2.79
N GLU C 75 -7.00 -15.74 -3.66
CA GLU C 75 -7.09 -15.35 -5.04
C GLU C 75 -8.34 -14.46 -5.15
N VAL C 76 -8.13 -13.20 -5.52
CA VAL C 76 -9.18 -12.17 -5.40
C VAL C 76 -9.66 -11.60 -6.74
N THR C 77 -9.49 -12.36 -7.82
CA THR C 77 -9.93 -11.87 -9.13
C THR C 77 -11.45 -11.94 -9.26
N GLN C 78 -12.05 -13.05 -8.85
CA GLN C 78 -13.51 -13.21 -8.90
C GLN C 78 -14.15 -12.59 -7.64
N PRO C 79 -15.03 -11.59 -7.82
CA PRO C 79 -15.69 -11.00 -6.64
C PRO C 79 -16.49 -12.03 -5.82
N SER C 80 -16.29 -12.01 -4.50
CA SER C 80 -16.84 -13.02 -3.58
C SER C 80 -16.99 -12.40 -2.19
N LEU C 81 -18.19 -12.48 -1.64
CA LEU C 81 -18.44 -12.01 -0.28
C LEU C 81 -17.63 -12.81 0.72
N GLY C 82 -17.57 -14.13 0.53
CA GLY C 82 -16.89 -15.00 1.47
C GLY C 82 -15.41 -14.75 1.56
N VAL C 83 -14.76 -14.61 0.40
CA VAL C 83 -13.35 -14.26 0.34
C VAL C 83 -13.07 -12.92 1.03
N GLY C 84 -13.85 -11.89 0.72
CA GLY C 84 -13.70 -10.59 1.41
C GLY C 84 -13.85 -10.72 2.92
N TYR C 85 -14.88 -11.45 3.33
CA TYR C 85 -15.18 -11.66 4.76
C TYR C 85 -14.02 -12.37 5.46
N GLU C 86 -13.50 -13.43 4.85
CA GLU C 86 -12.36 -14.17 5.39
C GLU C 86 -11.15 -13.25 5.54
N LEU C 87 -10.92 -12.40 4.55
CA LEU C 87 -9.80 -11.43 4.59
C LEU C 87 -10.02 -10.41 5.70
N GLY C 88 -11.25 -9.94 5.85
CA GLY C 88 -11.59 -9.03 6.96
C GLY C 88 -11.32 -9.64 8.34
N ARG C 89 -11.77 -10.87 8.53
CA ARG C 89 -11.56 -11.57 9.80
C ARG C 89 -10.07 -11.82 10.00
N ALA C 90 -9.38 -12.19 8.92
CA ALA C 90 -7.95 -12.49 9.00
C ALA C 90 -7.11 -11.26 9.38
N VAL C 91 -7.44 -10.10 8.81
CA VAL C 91 -6.73 -8.87 9.14
C VAL C 91 -6.84 -8.58 10.64
N ALA C 92 -8.07 -8.66 11.15
CA ALA C 92 -8.35 -8.40 12.57
C ALA C 92 -7.66 -9.40 13.50
N LEU C 93 -7.49 -10.62 13.04
CA LEU C 93 -6.79 -11.63 13.82
C LEU C 93 -5.27 -11.45 13.82
N GLY C 94 -4.77 -10.64 12.88
CA GLY C 94 -3.34 -10.35 12.78
C GLY C 94 -2.53 -11.29 11.89
N LYS C 95 -3.23 -12.12 11.12
CA LYS C 95 -2.58 -13.06 10.22
C LYS C 95 -1.93 -12.37 9.01
N PRO C 96 -0.71 -12.79 8.64
CA PRO C 96 -0.15 -12.22 7.41
C PRO C 96 -0.91 -12.74 6.20
N ILE C 97 -1.14 -11.85 5.24
CA ILE C 97 -2.02 -12.06 4.10
C ILE C 97 -1.33 -11.76 2.77
N LEU C 98 -1.51 -12.67 1.81
CA LEU C 98 -1.19 -12.41 0.41
C LEU C 98 -2.45 -12.58 -0.42
N CYS C 99 -2.77 -11.54 -1.21
CA CYS C 99 -3.83 -11.62 -2.22
C CYS C 99 -3.21 -11.62 -3.61
N LEU C 100 -3.70 -12.49 -4.48
CA LEU C 100 -3.26 -12.60 -5.85
C LEU C 100 -4.39 -12.16 -6.76
N PHE C 101 -4.12 -11.19 -7.63
CA PHE C 101 -5.11 -10.64 -8.57
C PHE C 101 -4.59 -10.70 -10.00
N ARG C 102 -5.47 -11.08 -10.93
CA ARG C 102 -5.12 -11.18 -12.35
C ARG C 102 -5.73 -10.05 -13.18
N PRO C 103 -4.95 -9.00 -13.47
CA PRO C 103 -5.51 -7.85 -14.18
C PRO C 103 -5.90 -8.12 -15.65
N GLN C 104 -5.36 -9.17 -16.25
CA GLN C 104 -5.68 -9.49 -17.65
C GLN C 104 -7.16 -9.85 -17.81
N SER C 105 -7.80 -10.20 -16.70
CA SER C 105 -9.23 -10.46 -16.66
C SER C 105 -10.05 -9.29 -17.20
N GLY C 106 -9.52 -8.06 -17.04
CA GLY C 106 -10.23 -6.84 -17.40
C GLY C 106 -10.97 -6.24 -16.22
N ARG C 107 -11.03 -6.97 -15.10
CA ARG C 107 -11.66 -6.45 -13.90
C ARG C 107 -10.69 -5.52 -13.23
N VAL C 108 -11.26 -4.67 -12.37
CA VAL C 108 -10.51 -3.80 -11.47
C VAL C 108 -10.75 -4.32 -10.06
N LEU C 109 -9.66 -4.52 -9.31
CA LEU C 109 -9.77 -5.05 -7.96
C LEU C 109 -10.38 -4.05 -6.98
N SER C 110 -11.34 -4.52 -6.18
CA SER C 110 -11.92 -3.80 -5.04
C SER C 110 -10.92 -2.86 -4.38
N ALA C 111 -11.32 -1.60 -4.23
CA ALA C 111 -10.47 -0.63 -3.51
C ALA C 111 -10.27 -1.06 -2.07
N MET C 112 -11.24 -1.78 -1.48
CA MET C 112 -11.09 -2.22 -0.08
C MET C 112 -10.04 -3.31 0.10
N ILE C 113 -9.74 -4.06 -0.96
CA ILE C 113 -8.74 -5.12 -0.89
C ILE C 113 -7.39 -4.57 -1.32
N ARG C 114 -7.35 -3.89 -2.48
CA ARG C 114 -6.13 -3.19 -2.92
C ARG C 114 -5.63 -2.24 -1.83
N GLY C 115 -6.57 -1.51 -1.24
CA GLY C 115 -6.30 -0.48 -0.23
C GLY C 115 -5.97 -0.99 1.17
N ALA C 116 -6.18 -2.28 1.42
CA ALA C 116 -5.82 -2.87 2.70
C ALA C 116 -4.34 -3.23 2.79
N ALA C 117 -3.60 -3.07 1.70
CA ALA C 117 -2.15 -3.35 1.66
C ALA C 117 -1.44 -2.62 2.77
N ASP C 118 -0.55 -3.33 3.45
CA ASP C 118 0.06 -2.86 4.69
C ASP C 118 1.37 -3.61 4.95
N GLY C 119 2.44 -3.15 4.34
CA GLY C 119 3.77 -3.75 4.54
C GLY C 119 3.75 -5.27 4.42
N SER C 120 4.39 -5.94 5.37
CA SER C 120 4.49 -7.39 5.36
C SER C 120 3.19 -8.07 5.79
N ARG C 121 2.26 -7.31 6.36
CA ARG C 121 1.04 -7.87 6.97
C ARG C 121 -0.07 -8.15 5.96
N PHE C 122 -0.08 -7.41 4.86
CA PHE C 122 -1.12 -7.56 3.85
C PHE C 122 -0.51 -7.11 2.55
N GLN C 123 -0.32 -8.07 1.63
CA GLN C 123 0.23 -7.78 0.32
C GLN C 123 -0.74 -8.18 -0.78
N VAL C 124 -0.82 -7.33 -1.81
CA VAL C 124 -1.66 -7.59 -2.97
C VAL C 124 -0.76 -7.59 -4.19
N TRP C 125 -0.64 -8.75 -4.82
CA TRP C 125 0.25 -8.92 -5.95
C TRP C 125 -0.56 -9.21 -7.21
N ASP C 126 -0.38 -8.37 -8.24
CA ASP C 126 -0.86 -8.69 -9.58
C ASP C 126 -0.01 -9.82 -10.14
N TYR C 127 -0.65 -10.77 -10.84
CA TYR C 127 0.08 -11.85 -11.50
C TYR C 127 -0.50 -12.11 -12.89
N ALA C 128 0.38 -12.61 -13.76
CA ALA C 128 0.01 -13.17 -15.05
C ALA C 128 -0.16 -14.67 -14.84
N GLU C 129 -1.17 -15.26 -15.47
CA GLU C 129 -1.57 -16.63 -15.12
C GLU C 129 -0.43 -17.66 -15.17
N GLY C 130 0.49 -17.51 -16.11
CA GLY C 130 1.58 -18.48 -16.31
C GLY C 130 2.67 -18.42 -15.24
N GLU C 131 2.70 -17.33 -14.49
CA GLU C 131 3.72 -17.08 -13.49
C GLU C 131 3.26 -17.33 -12.05
N VAL C 132 2.01 -17.73 -11.83
CA VAL C 132 1.47 -17.79 -10.47
C VAL C 132 2.29 -18.69 -9.53
N GLU C 133 2.77 -19.83 -10.03
CA GLU C 133 3.58 -20.73 -9.22
C GLU C 133 4.90 -20.07 -8.81
N THR C 134 5.56 -19.44 -9.78
CA THR C 134 6.83 -18.75 -9.56
C THR C 134 6.66 -17.62 -8.54
N MET C 135 5.56 -16.89 -8.63
CA MET C 135 5.31 -15.78 -7.70
C MET C 135 5.09 -16.30 -6.28
N LEU C 136 4.35 -17.39 -6.13
CA LEU C 136 4.19 -18.02 -4.82
C LEU C 136 5.54 -18.45 -4.24
N ASP C 137 6.41 -19.03 -5.06
CA ASP C 137 7.76 -19.38 -4.61
C ASP C 137 8.46 -18.13 -4.06
N ARG C 138 8.38 -17.04 -4.82
CA ARG C 138 9.03 -15.78 -4.42
C ARG C 138 8.47 -15.22 -3.12
N TYR C 139 7.15 -15.33 -2.93
CA TYR C 139 6.52 -14.83 -1.70
C TYR C 139 7.10 -15.56 -0.49
N PHE C 140 7.10 -16.89 -0.53
CA PHE C 140 7.61 -17.68 0.59
C PHE C 140 9.12 -17.54 0.80
N GLU C 141 9.88 -17.41 -0.28
CA GLU C 141 11.32 -17.27 -0.15
C GLU C 141 11.77 -15.91 0.40
N ALA C 142 11.07 -14.83 0.01
CA ALA C 142 11.57 -13.47 0.28
C ALA C 142 10.58 -12.43 0.86
N TYR C 143 9.29 -12.73 0.93
CA TYR C 143 8.30 -11.73 1.34
C TYR C 143 7.41 -12.19 2.49
N LEU C 144 7.87 -13.19 3.25
CA LEU C 144 7.15 -13.67 4.42
C LEU C 144 8.09 -13.74 5.61
N VAL C 145 7.74 -13.04 6.68
CA VAL C 145 8.62 -12.91 7.85
C VAL C 145 8.55 -14.14 8.77
N ARG D 2 -27.54 11.48 17.79
CA ARG D 2 -27.63 11.12 16.35
C ARG D 2 -26.87 9.82 16.07
N ARG D 3 -27.59 8.84 15.58
CA ARG D 3 -27.01 7.54 15.28
C ARG D 3 -26.34 7.58 13.89
N SER D 4 -25.28 6.80 13.71
CA SER D 4 -24.55 6.73 12.44
C SER D 4 -24.70 5.34 11.83
N VAL D 5 -24.95 5.30 10.52
CA VAL D 5 -25.20 4.05 9.80
C VAL D 5 -24.15 3.90 8.69
N TYR D 6 -23.47 2.76 8.68
CA TYR D 6 -22.55 2.42 7.62
C TYR D 6 -23.28 1.48 6.65
N PHE D 7 -23.44 1.93 5.40
CA PHE D 7 -24.13 1.11 4.39
C PHE D 7 -23.12 0.49 3.42
N CYS D 8 -23.26 -0.82 3.19
CA CYS D 8 -22.39 -1.56 2.26
C CYS D 8 -23.18 -2.08 1.07
N GLY D 9 -22.57 -1.98 -0.11
CA GLY D 9 -23.12 -2.50 -1.35
C GLY D 9 -22.06 -2.57 -2.43
N SER D 10 -22.18 -3.55 -3.32
CA SER D 10 -21.19 -3.77 -4.39
C SER D 10 -20.93 -2.54 -5.28
N ILE D 11 -19.64 -2.31 -5.55
CA ILE D 11 -19.22 -1.32 -6.54
C ILE D 11 -18.40 -2.06 -7.62
N ARG D 12 -17.16 -2.41 -7.32
CA ARG D 12 -16.38 -3.16 -8.30
C ARG D 12 -16.82 -4.61 -8.47
N GLY D 13 -17.64 -5.10 -7.53
CA GLY D 13 -18.29 -6.41 -7.72
C GLY D 13 -19.38 -6.37 -8.77
N GLY D 14 -19.78 -5.16 -9.16
CA GLY D 14 -20.86 -4.97 -10.12
C GLY D 14 -21.88 -4.00 -9.59
N ARG D 15 -22.44 -3.18 -10.47
CA ARG D 15 -23.37 -2.13 -10.08
C ARG D 15 -24.83 -2.46 -10.40
N GLU D 16 -25.14 -3.74 -10.58
CA GLU D 16 -26.50 -4.21 -10.86
C GLU D 16 -27.58 -3.59 -9.97
N ASP D 17 -27.26 -3.44 -8.69
CA ASP D 17 -28.25 -2.97 -7.72
C ASP D 17 -28.07 -1.49 -7.30
N GLN D 18 -27.46 -0.68 -8.17
CA GLN D 18 -27.19 0.73 -7.89
C GLN D 18 -28.45 1.49 -7.47
N ALA D 19 -29.52 1.33 -8.24
CA ALA D 19 -30.75 2.08 -7.98
C ALA D 19 -31.33 1.65 -6.64
N LEU D 20 -31.28 0.35 -6.38
CA LEU D 20 -31.69 -0.20 -5.10
C LEU D 20 -30.90 0.41 -3.94
N TYR D 21 -29.59 0.54 -4.10
CA TYR D 21 -28.77 1.09 -3.03
C TYR D 21 -29.17 2.53 -2.76
N ALA D 22 -29.48 3.26 -3.81
CA ALA D 22 -29.97 4.63 -3.65
C ALA D 22 -31.26 4.68 -2.85
N ARG D 23 -32.18 3.75 -3.11
CA ARG D 23 -33.44 3.66 -2.34
C ARG D 23 -33.10 3.35 -0.88
N ILE D 24 -32.15 2.44 -0.65
CA ILE D 24 -31.79 2.03 0.72
C ILE D 24 -31.19 3.21 1.48
N VAL D 25 -30.23 3.89 0.86
CA VAL D 25 -29.57 5.04 1.49
C VAL D 25 -30.58 6.15 1.84
N SER D 26 -31.51 6.44 0.92
CA SER D 26 -32.57 7.42 1.19
C SER D 26 -33.40 7.06 2.43
N ARG D 27 -33.76 5.79 2.57
CA ARG D 27 -34.56 5.34 3.71
C ARG D 27 -33.74 5.40 5.00
N LEU D 28 -32.46 5.03 4.93
CA LEU D 28 -31.57 5.04 6.10
C LEU D 28 -31.39 6.45 6.66
N ARG D 29 -31.42 7.47 5.81
CA ARG D 29 -31.29 8.86 6.25
C ARG D 29 -32.33 9.25 7.29
N ARG D 30 -33.49 8.59 7.26
CA ARG D 30 -34.54 8.83 8.23
C ARG D 30 -34.15 8.45 9.67
N TYR D 31 -33.17 7.55 9.79
CA TYR D 31 -32.79 6.97 11.07
C TYR D 31 -31.45 7.47 11.60
N GLY D 32 -30.66 8.15 10.77
CA GLY D 32 -29.39 8.69 11.21
C GLY D 32 -28.51 9.15 10.08
N LYS D 33 -27.24 9.36 10.41
CA LYS D 33 -26.24 9.81 9.45
C LYS D 33 -25.75 8.61 8.67
N VAL D 34 -25.87 8.67 7.34
CA VAL D 34 -25.37 7.61 6.50
C VAL D 34 -23.93 7.96 6.14
N LEU D 35 -22.99 7.25 6.75
CA LEU D 35 -21.56 7.56 6.60
C LEU D 35 -21.03 7.34 5.17
N THR D 36 -21.62 6.37 4.47
CA THR D 36 -21.17 5.90 3.15
C THR D 36 -22.10 6.22 1.98
N GLU D 37 -22.65 7.42 1.93
CA GLU D 37 -23.59 7.76 0.82
C GLU D 37 -22.94 7.72 -0.61
N HIS D 38 -21.71 7.18 -0.73
CA HIS D 38 -21.02 6.93 -2.01
C HIS D 38 -21.35 5.59 -2.69
N VAL D 39 -21.75 4.60 -1.89
CA VAL D 39 -22.14 3.26 -2.39
C VAL D 39 -23.31 3.35 -3.39
N ALA D 40 -24.26 4.25 -3.10
CA ALA D 40 -25.39 4.53 -3.99
C ALA D 40 -25.03 5.39 -5.20
N ASP D 41 -24.17 6.40 -4.96
CA ASP D 41 -23.77 7.36 -6.00
C ASP D 41 -22.66 6.80 -6.87
N GLU D 50 -10.39 6.01 -11.18
CA GLU D 50 -9.58 6.47 -10.06
C GLU D 50 -8.24 5.73 -10.00
N ALA D 51 -7.20 6.42 -9.58
CA ALA D 51 -5.86 5.82 -9.48
C ALA D 51 -5.84 4.71 -8.43
N ALA D 52 -5.22 3.58 -8.77
CA ALA D 52 -5.04 2.47 -7.83
C ALA D 52 -4.31 2.95 -6.59
N GLY D 53 -3.41 3.92 -6.82
CA GLY D 53 -2.64 4.56 -5.76
C GLY D 53 -3.46 5.23 -4.69
N GLY D 54 -4.73 5.51 -4.99
CA GLY D 54 -5.63 6.12 -4.02
C GLY D 54 -6.48 5.14 -3.22
N ASP D 55 -6.36 3.83 -3.49
CA ASP D 55 -7.24 2.87 -2.85
C ASP D 55 -6.96 2.75 -1.35
N GLN D 56 -5.71 2.96 -0.92
CA GLN D 56 -5.41 2.91 0.52
C GLN D 56 -6.08 4.05 1.27
N PHE D 57 -6.20 5.21 0.63
CA PHE D 57 -6.97 6.33 1.17
C PHE D 57 -8.43 5.93 1.42
N ILE D 58 -9.03 5.29 0.42
CA ILE D 58 -10.42 4.83 0.52
C ILE D 58 -10.57 3.86 1.68
N HIS D 59 -9.69 2.89 1.75
CA HIS D 59 -9.72 1.87 2.80
C HIS D 59 -9.62 2.53 4.18
N GLU D 60 -8.70 3.48 4.32
CA GLU D 60 -8.51 4.17 5.58
C GLU D 60 -9.74 4.97 5.97
N GLN D 61 -10.28 5.72 5.00
CA GLN D 61 -11.48 6.53 5.21
C GLN D 61 -12.63 5.64 5.66
N ASN D 62 -12.86 4.56 4.92
CA ASN D 62 -13.96 3.63 5.25
C ASN D 62 -13.81 2.94 6.60
N LEU D 63 -12.60 2.54 6.96
CA LEU D 63 -12.38 1.89 8.25
C LEU D 63 -12.66 2.84 9.40
N ASN D 64 -12.27 4.10 9.22
CA ASN D 64 -12.56 5.13 10.21
C ASN D 64 -14.07 5.31 10.39
N TRP D 65 -14.80 5.34 9.28
CA TRP D 65 -16.26 5.40 9.35
C TRP D 65 -16.85 4.14 9.98
N LEU D 66 -16.30 2.98 9.64
CA LEU D 66 -16.78 1.74 10.22
C LEU D 66 -16.61 1.75 11.74
N GLN D 67 -15.47 2.26 12.22
CA GLN D 67 -15.22 2.36 13.66
C GLN D 67 -16.21 3.31 14.36
N GLN D 68 -16.67 4.35 13.64
CA GLN D 68 -17.64 5.31 14.15
C GLN D 68 -19.06 4.76 14.20
N ALA D 69 -19.36 3.82 13.30
CA ALA D 69 -20.76 3.39 13.06
C ALA D 69 -21.45 2.77 14.27
N ASP D 70 -22.73 3.10 14.45
CA ASP D 70 -23.58 2.44 15.44
C ASP D 70 -24.19 1.12 14.91
N VAL D 71 -24.39 1.06 13.60
CA VAL D 71 -24.93 -0.12 12.96
C VAL D 71 -24.42 -0.19 11.52
N VAL D 72 -24.24 -1.42 11.05
CA VAL D 72 -23.80 -1.70 9.70
C VAL D 72 -24.94 -2.38 8.95
N VAL D 73 -25.33 -1.81 7.81
CA VAL D 73 -26.34 -2.42 6.96
C VAL D 73 -25.67 -2.76 5.62
N ALA D 74 -25.87 -3.99 5.13
CA ALA D 74 -25.32 -4.42 3.85
C ALA D 74 -26.40 -5.04 2.98
N GLU D 75 -26.46 -4.66 1.71
CA GLU D 75 -27.29 -5.38 0.73
C GLU D 75 -26.32 -6.32 0.04
N VAL D 76 -26.46 -7.61 0.33
CA VAL D 76 -25.49 -8.66 -0.03
C VAL D 76 -25.93 -9.57 -1.19
N THR D 77 -26.89 -9.12 -1.99
CA THR D 77 -27.33 -9.92 -3.12
C THR D 77 -26.23 -10.02 -4.21
N GLN D 78 -25.53 -8.93 -4.47
CA GLN D 78 -24.44 -8.90 -5.47
C GLN D 78 -23.13 -9.25 -4.80
N PRO D 79 -22.44 -10.33 -5.27
CA PRO D 79 -21.17 -10.67 -4.63
C PRO D 79 -20.12 -9.59 -4.81
N SER D 80 -19.41 -9.32 -3.72
CA SER D 80 -18.45 -8.24 -3.68
C SER D 80 -17.38 -8.49 -2.63
N LEU D 81 -16.10 -8.38 -3.02
CA LEU D 81 -15.02 -8.50 -2.05
C LEU D 81 -15.08 -7.42 -0.97
N GLY D 82 -15.36 -6.20 -1.39
CA GLY D 82 -15.35 -5.07 -0.48
C GLY D 82 -16.45 -5.13 0.57
N VAL D 83 -17.64 -5.55 0.14
CA VAL D 83 -18.74 -5.71 1.07
C VAL D 83 -18.42 -6.82 2.08
N GLY D 84 -17.92 -7.96 1.60
CA GLY D 84 -17.52 -9.03 2.48
C GLY D 84 -16.46 -8.58 3.49
N TYR D 85 -15.47 -7.83 2.99
CA TYR D 85 -14.42 -7.28 3.84
C TYR D 85 -14.93 -6.35 4.95
N GLU D 86 -15.83 -5.46 4.57
CA GLU D 86 -16.45 -4.51 5.51
C GLU D 86 -17.19 -5.29 6.60
N LEU D 87 -17.89 -6.35 6.19
CA LEU D 87 -18.62 -7.19 7.12
C LEU D 87 -17.69 -7.93 8.06
N GLY D 88 -16.60 -8.50 7.52
CA GLY D 88 -15.57 -9.16 8.34
C GLY D 88 -14.98 -8.20 9.36
N ARG D 89 -14.59 -7.01 8.91
CA ARG D 89 -14.04 -6.00 9.83
C ARG D 89 -15.08 -5.60 10.88
N ALA D 90 -16.33 -5.43 10.45
CA ALA D 90 -17.41 -5.03 11.34
C ALA D 90 -17.66 -6.06 12.45
N VAL D 91 -17.68 -7.34 12.10
CA VAL D 91 -17.84 -8.40 13.09
C VAL D 91 -16.74 -8.34 14.14
N ALA D 92 -15.51 -8.15 13.69
CA ALA D 92 -14.35 -8.11 14.59
C ALA D 92 -14.35 -6.87 15.49
N LEU D 93 -15.02 -5.81 15.06
CA LEU D 93 -15.23 -4.61 15.87
C LEU D 93 -16.45 -4.69 16.80
N GLY D 94 -17.22 -5.75 16.66
CA GLY D 94 -18.41 -5.97 17.51
C GLY D 94 -19.62 -5.15 17.11
N LYS D 95 -19.67 -4.69 15.87
CA LYS D 95 -20.79 -3.85 15.41
C LYS D 95 -22.04 -4.68 15.11
N PRO D 96 -23.22 -4.15 15.46
CA PRO D 96 -24.47 -4.77 15.05
C PRO D 96 -24.59 -4.65 13.54
N ILE D 97 -25.06 -5.72 12.90
CA ILE D 97 -25.05 -5.86 11.45
C ILE D 97 -26.38 -6.42 10.97
N LEU D 98 -26.92 -5.82 9.91
CA LEU D 98 -28.06 -6.35 9.19
C LEU D 98 -27.62 -6.56 7.75
N CYS D 99 -27.77 -7.78 7.25
CA CYS D 99 -27.59 -8.09 5.83
C CYS D 99 -28.95 -8.34 5.19
N LEU D 100 -29.16 -7.72 4.03
CA LEU D 100 -30.38 -7.88 3.25
C LEU D 100 -30.06 -8.63 1.95
N PHE D 101 -30.79 -9.72 1.71
CA PHE D 101 -30.55 -10.61 0.57
C PHE D 101 -31.84 -10.92 -0.18
N ARG D 102 -31.76 -10.98 -1.50
CA ARG D 102 -32.94 -11.31 -2.33
C ARG D 102 -32.91 -12.72 -2.92
N PRO D 103 -33.74 -13.64 -2.38
CA PRO D 103 -33.74 -15.00 -2.95
C PRO D 103 -34.15 -15.06 -4.43
N GLN D 104 -34.93 -14.09 -4.91
CA GLN D 104 -35.35 -14.13 -6.31
C GLN D 104 -34.21 -13.86 -7.28
N SER D 105 -33.07 -13.42 -6.76
CA SER D 105 -31.83 -13.35 -7.54
C SER D 105 -31.45 -14.72 -8.14
N GLY D 106 -31.88 -15.80 -7.50
CA GLY D 106 -31.63 -17.15 -7.98
C GLY D 106 -30.32 -17.72 -7.49
N ARG D 107 -29.56 -16.90 -6.75
CA ARG D 107 -28.25 -17.26 -6.18
C ARG D 107 -28.38 -17.75 -4.75
N VAL D 108 -27.40 -18.55 -4.32
CA VAL D 108 -27.28 -18.92 -2.93
C VAL D 108 -26.31 -17.93 -2.28
N LEU D 109 -26.75 -17.29 -1.22
CA LEU D 109 -25.90 -16.36 -0.50
C LEU D 109 -24.70 -17.11 0.08
N SER D 110 -23.52 -16.51 -0.07
CA SER D 110 -22.31 -16.96 0.60
C SER D 110 -22.54 -17.57 1.98
N ALA D 111 -22.03 -18.78 2.16
CA ALA D 111 -22.13 -19.44 3.45
C ALA D 111 -21.44 -18.67 4.58
N MET D 112 -20.40 -17.90 4.24
CA MET D 112 -19.69 -17.12 5.25
C MET D 112 -20.49 -15.91 5.75
N ILE D 113 -21.47 -15.46 4.99
CA ILE D 113 -22.34 -14.37 5.42
C ILE D 113 -23.60 -14.92 6.12
N ARG D 114 -24.28 -15.83 5.45
CA ARG D 114 -25.43 -16.52 6.06
C ARG D 114 -25.04 -17.18 7.39
N GLY D 115 -23.86 -17.79 7.40
CA GLY D 115 -23.39 -18.57 8.54
C GLY D 115 -22.85 -17.72 9.68
N ALA D 116 -22.65 -16.44 9.42
CA ALA D 116 -22.22 -15.49 10.45
C ALA D 116 -23.37 -15.04 11.36
N ALA D 117 -24.61 -15.39 11.01
CA ALA D 117 -25.77 -15.03 11.83
C ALA D 117 -25.58 -15.37 13.31
N ASP D 118 -25.86 -14.40 14.16
CA ASP D 118 -25.64 -14.51 15.59
C ASP D 118 -26.69 -13.67 16.33
N GLY D 119 -27.75 -14.31 16.78
CA GLY D 119 -28.75 -13.64 17.60
C GLY D 119 -29.27 -12.39 16.92
N SER D 120 -29.37 -11.31 17.68
CA SER D 120 -29.81 -10.05 17.12
C SER D 120 -28.65 -9.19 16.65
N ARG D 121 -27.42 -9.64 16.92
CA ARG D 121 -26.20 -8.86 16.64
C ARG D 121 -25.75 -8.95 15.19
N PHE D 122 -25.97 -10.09 14.55
CA PHE D 122 -25.70 -10.27 13.12
C PHE D 122 -26.91 -10.97 12.53
N GLN D 123 -27.67 -10.24 11.72
CA GLN D 123 -28.93 -10.75 11.17
C GLN D 123 -28.89 -10.75 9.65
N VAL D 124 -29.42 -11.82 9.06
CA VAL D 124 -29.52 -11.92 7.62
C VAL D 124 -30.99 -12.06 7.28
N TRP D 125 -31.56 -11.05 6.61
CA TRP D 125 -32.98 -11.03 6.24
C TRP D 125 -33.15 -11.20 4.72
N ASP D 126 -33.84 -12.25 4.35
CA ASP D 126 -34.28 -12.47 2.97
C ASP D 126 -35.50 -11.60 2.72
N TYR D 127 -35.57 -10.96 1.56
CA TYR D 127 -36.70 -10.07 1.27
C TYR D 127 -37.02 -10.06 -0.22
N ALA D 128 -38.23 -9.61 -0.54
CA ALA D 128 -38.70 -9.56 -1.90
C ALA D 128 -38.43 -8.20 -2.50
N GLU D 129 -38.09 -8.19 -3.78
CA GLU D 129 -37.99 -6.98 -4.57
C GLU D 129 -39.28 -6.17 -4.40
N GLY D 130 -39.12 -4.96 -3.85
CA GLY D 130 -40.24 -4.05 -3.60
C GLY D 130 -40.47 -3.77 -2.13
N GLU D 131 -39.85 -4.57 -1.25
CA GLU D 131 -40.12 -4.49 0.18
C GLU D 131 -38.95 -3.94 0.99
N VAL D 132 -37.87 -3.52 0.33
CA VAL D 132 -36.66 -3.14 1.08
C VAL D 132 -36.89 -2.01 2.10
N GLU D 133 -37.68 -1.01 1.74
CA GLU D 133 -37.95 0.12 2.66
C GLU D 133 -38.69 -0.33 3.91
N THR D 134 -39.69 -1.19 3.70
CA THR D 134 -40.47 -1.75 4.81
C THR D 134 -39.56 -2.55 5.74
N MET D 135 -38.71 -3.39 5.17
CA MET D 135 -37.82 -4.19 5.98
C MET D 135 -36.88 -3.31 6.79
N LEU D 136 -36.37 -2.24 6.19
CA LEU D 136 -35.50 -1.31 6.92
C LEU D 136 -36.25 -0.70 8.09
N ASP D 137 -37.50 -0.27 7.87
CA ASP D 137 -38.32 0.29 8.94
C ASP D 137 -38.48 -0.69 10.10
N ARG D 138 -38.74 -1.95 9.77
CA ARG D 138 -39.04 -2.96 10.79
C ARG D 138 -37.79 -3.25 11.63
N TYR D 139 -36.63 -3.30 10.99
CA TYR D 139 -35.36 -3.51 11.69
C TYR D 139 -35.05 -2.35 12.64
N PHE D 140 -35.11 -1.13 12.11
CA PHE D 140 -34.78 0.03 12.95
C PHE D 140 -35.77 0.23 14.10
N GLU D 141 -37.07 0.07 13.82
CA GLU D 141 -38.08 0.15 14.86
C GLU D 141 -37.82 -0.84 15.99
N ALA D 142 -37.43 -2.06 15.62
CA ALA D 142 -37.26 -3.14 16.58
C ALA D 142 -35.98 -3.03 17.38
N TYR D 143 -34.87 -2.67 16.72
CA TYR D 143 -33.53 -2.80 17.30
C TYR D 143 -32.76 -1.49 17.52
N LEU D 144 -33.29 -0.36 17.08
CA LEU D 144 -32.54 0.90 17.17
C LEU D 144 -33.35 2.07 17.72
N VAL D 145 -34.58 2.25 17.23
CA VAL D 145 -35.43 3.37 17.66
C VAL D 145 -35.85 3.16 19.11
C65 6C6 E . 12.91 -4.96 -6.00
C64 6C6 E . 13.78 -5.85 -6.91
C63 6C6 E . 15.10 -5.10 -7.14
C62 6C6 E . 14.93 -3.71 -6.48
C61 6C6 E . 13.88 -3.91 -5.39
N6 6C6 E . 14.51 -4.50 -4.20
C6 6C6 E . 15.15 -3.84 -3.23
N1 6C6 E . 15.62 -4.59 -2.21
C2 6C6 E . 16.25 -4.05 -1.19
N3 6C6 E . 16.49 -2.74 -1.12
C4 6C6 E . 16.09 -1.93 -2.10
C5 6C6 E . 15.38 -2.46 -3.19
N7 6C6 E . 15.08 -1.44 -4.00
C8 6C6 E . 15.56 -0.32 -3.42
N9 6C6 E . 16.17 -0.62 -2.26
C1' 6C6 E . 16.87 0.33 -1.34
O4' 6C6 E . 16.84 1.66 -1.93
C2' 6C6 E . 18.37 -0.08 -1.26
O2' 6C6 E . 18.83 -0.23 0.09
C3' 6C6 E . 19.16 1.00 -2.03
O3' 6C6 E . 20.10 1.72 -1.22
C4' 6C6 E . 18.12 2.00 -2.52
C5' 6C6 E . 17.96 1.94 -4.05
O5' 6C6 E . 16.89 2.75 -4.46
PA 6C6 E . 16.50 2.83 -6.03
OA2 6C6 E . 15.41 3.95 -6.08
OA3 6C6 E . 15.92 1.43 -6.41
OA1 6C6 E . 17.70 3.21 -6.80
C65 6C6 F . 21.27 24.67 -8.09
C64 6C6 F . 21.35 25.57 -9.34
C63 6C6 F . 20.00 25.36 -10.03
C62 6C6 F . 19.05 25.33 -8.85
C61 6C6 F . 19.77 24.37 -7.88
N6 6C6 F . 19.38 24.67 -6.49
C6 6C6 F . 18.23 24.30 -5.95
N1 6C6 F . 17.33 25.24 -5.59
C2 6C6 F . 16.17 24.88 -5.04
N3 6C6 F . 15.88 23.60 -4.83
C4 6C6 F . 16.74 22.63 -5.17
C5 6C6 F . 17.95 22.96 -5.75
N7 6C6 F . 18.61 21.82 -5.98
C8 6C6 F . 17.84 20.82 -5.57
N9 6C6 F . 16.70 21.31 -5.07
C1' 6C6 F . 15.56 20.56 -4.50
O4' 6C6 F . 15.83 19.13 -4.57
C2' 6C6 F . 14.29 20.84 -5.35
O2' 6C6 F . 13.20 21.25 -4.50
C3' 6C6 F . 13.98 19.54 -6.11
O3' 6C6 F . 12.62 19.09 -5.86
C4' 6C6 F . 15.02 18.52 -5.62
C5' 6C6 F . 15.95 18.11 -6.79
O5' 6C6 F . 17.05 17.24 -6.43
PA 6C6 F . 18.06 17.02 -7.70
OA2 6C6 F . 18.91 16.22 -6.87
OA3 6C6 F . 18.87 18.22 -7.72
OA1 6C6 F . 17.55 16.32 -8.74
C65 6C6 G . -21.63 -24.87 0.58
C64 6C6 G . -21.30 -25.82 -0.57
C63 6C6 G . -20.47 -24.98 -1.57
C62 6C6 G . -19.94 -23.77 -0.78
C61 6C6 G . -20.45 -23.90 0.65
N6 6C6 G . -19.42 -24.49 1.50
C6 6C6 G . -18.27 -23.90 1.85
N1 6C6 G . -17.37 -24.70 2.44
C2 6C6 G . -16.20 -24.24 2.84
N3 6C6 G . -15.87 -22.96 2.69
C4 6C6 G . -16.71 -22.09 2.11
C5 6C6 G . -17.96 -22.54 1.68
N7 6C6 G . -18.56 -21.48 1.16
C8 6C6 G . -17.74 -20.42 1.26
N9 6C6 G . -16.61 -20.80 1.85
C1' 6C6 G . -15.41 -19.98 2.15
O4' 6C6 G . -15.59 -18.62 1.68
C2' 6C6 G . -14.20 -20.58 1.39
O2' 6C6 G . -13.10 -20.78 2.28
C3' 6C6 G . -13.83 -19.57 0.27
O3' 6C6 G . -12.49 -19.05 0.39
C4' 6C6 G . -14.84 -18.44 0.42
C5' 6C6 G . -15.82 -18.45 -0.78
O5' 6C6 G . -16.93 -17.56 -0.51
PA 6C6 G . -18.19 -17.47 -1.49
OA2 6C6 G . -17.59 -17.13 -2.94
OA3 6C6 G . -18.97 -16.20 -0.98
OA1 6C6 G . -18.95 -18.74 -1.53
S SO4 H . 8.51 -27.00 -10.47
O1 SO4 H . 9.15 -26.35 -9.33
O2 SO4 H . 7.35 -26.24 -10.90
O3 SO4 H . 9.50 -27.07 -11.56
O4 SO4 H . 8.09 -28.36 -10.11
C65 6C6 I . -12.76 3.99 -6.34
C64 6C6 I . -13.73 4.40 -7.46
C63 6C6 I . -14.85 3.35 -7.47
C62 6C6 I . -14.61 2.43 -6.25
C61 6C6 I . -13.59 3.14 -5.36
N6 6C6 I . -14.25 4.05 -4.40
C6 6C6 I . -14.86 3.67 -3.25
N1 6C6 I . -15.28 4.68 -2.43
C2 6C6 I . -15.90 4.41 -1.29
N3 6C6 I . -16.10 3.17 -0.87
C4 6C6 I . -15.72 2.12 -1.65
C5 6C6 I . -15.07 2.35 -2.84
N7 6C6 I . -14.81 1.15 -3.39
C8 6C6 I . -15.25 0.23 -2.55
N9 6C6 I . -15.82 0.82 -1.49
C1' 6C6 I . -16.46 0.13 -0.32
O4' 6C6 I . -16.45 -1.29 -0.48
C2' 6C6 I . -17.95 0.59 -0.28
O2' 6C6 I . -18.31 1.17 0.99
C3' 6C6 I . -18.80 -0.65 -0.66
O3' 6C6 I . -19.70 -1.07 0.38
C4' 6C6 I . -17.78 -1.76 -0.88
C5' 6C6 I . -17.74 -2.17 -2.36
O5' 6C6 I . -16.64 -3.02 -2.60
PA 6C6 I . -16.40 -3.52 -4.10
OA2 6C6 I . -15.29 -4.60 -3.85
OA3 6C6 I . -15.87 -2.29 -4.94
OA1 6C6 I . -17.68 -4.07 -4.66
S SO4 J . -43.25 6.06 3.26
O1 SO4 J . -42.83 6.65 4.53
O2 SO4 J . -44.72 6.06 3.20
O3 SO4 J . -42.70 6.82 2.15
O4 SO4 J . -42.78 4.67 3.16
#